data_2YFV
#
_entry.id   2YFV
#
_cell.length_a   32.723
_cell.length_b   65.530
_cell.length_c   121.097
_cell.angle_alpha   90.00
_cell.angle_beta   90.00
_cell.angle_gamma   90.00
#
_symmetry.space_group_name_H-M   'P 2 21 21'
#
loop_
_entity.id
_entity.type
_entity.pdbx_description
1 polymer 'HISTONE H3-LIKE CENTROMERIC PROTEIN CSE4'
2 polymer 'HISTONE H4'
3 polymer SCM3
4 non-polymer 'IODIDE ION'
5 water water
#
loop_
_entity_poly.entity_id
_entity_poly.type
_entity_poly.pdbx_seq_one_letter_code
_entity_poly.pdbx_strand_id
1 'polypeptide(L)'
;KARGTRYKPTDLALAEIRKYQRSTDLLISRMPFARLVKEVTDQFTTESEPLRWQSMAIMALQEASEAYLVGLLEHTNLLA
LHAKRITIMRKDMQLARRIR
;
A
2 'polypeptide(L)' DNIQGITKPAIRRLARRGGVKRISGLIYEEVRNVLKTFLESVIRDAVTYTEHAKRKTVTSLDVVYALKRQGRTL B
3 'polypeptide(L)' RDGVVYIMSKENRLIPKLSDEEVMERHKKADENMKRVWSQIIQKYESIDNQGDVIDLQTGEVI C
#
loop_
_chem_comp.id
_chem_comp.type
_chem_comp.name
_chem_comp.formula
IOD non-polymer 'IODIDE ION' 'I -1'
#
# COMPACT_ATOMS: atom_id res chain seq x y z
N ILE A 28 -0.01 -3.17 10.07
CA ILE A 28 1.29 -2.49 10.35
C ILE A 28 1.22 -1.75 11.70
N SER A 29 2.30 -1.87 12.47
CA SER A 29 2.43 -1.12 13.69
C SER A 29 2.93 0.30 13.39
N ARG A 30 2.41 1.26 14.14
CA ARG A 30 2.71 2.68 13.98
C ARG A 30 4.19 3.09 14.21
N MET A 31 4.82 2.56 15.25
CA MET A 31 6.15 3.08 15.67
C MET A 31 7.33 2.81 14.69
N PRO A 32 7.49 1.56 14.22
CA PRO A 32 8.54 1.38 13.22
C PRO A 32 8.23 2.09 11.90
N PHE A 33 6.95 2.15 11.51
CA PHE A 33 6.54 2.89 10.30
C PHE A 33 6.97 4.34 10.39
N ALA A 34 6.65 4.97 11.53
CA ALA A 34 6.97 6.36 11.79
C ALA A 34 8.47 6.63 11.74
N ARG A 35 9.24 5.73 12.36
CA ARG A 35 10.70 5.83 12.36
C ARG A 35 11.21 5.79 10.93
N LEU A 36 10.58 4.98 10.09
CA LEU A 36 10.93 4.89 8.66
C LEU A 36 10.57 6.16 7.88
N VAL A 37 9.34 6.65 8.08
CA VAL A 37 8.91 7.90 7.48
C VAL A 37 9.95 8.98 7.79
N LYS A 38 10.42 9.04 9.02
CA LYS A 38 11.41 10.05 9.41
C LYS A 38 12.79 9.84 8.78
N GLU A 39 13.26 8.60 8.72
CA GLU A 39 14.52 8.31 8.07
C GLU A 39 14.42 8.79 6.61
N VAL A 40 13.30 8.49 5.96
CA VAL A 40 13.07 8.84 4.55
C VAL A 40 12.88 10.36 4.33
N THR A 41 12.18 11.04 5.24
CA THR A 41 12.04 12.49 5.06
C THR A 41 13.41 13.17 5.17
N ASP A 42 14.29 12.58 5.97
CA ASP A 42 15.64 13.11 6.24
C ASP A 42 16.59 13.06 5.06
N GLN A 43 16.44 12.07 4.19
CA GLN A 43 17.28 12.01 2.99
C GLN A 43 16.89 13.08 1.95
N PHE A 44 15.79 13.80 2.20
CA PHE A 44 15.33 14.88 1.31
C PHE A 44 15.48 16.27 1.91
N THR A 45 16.35 16.43 2.90
CA THR A 45 16.53 17.70 3.60
C THR A 45 18.02 18.02 3.84
N LEU A 51 12.12 18.39 9.09
CA LEU A 51 10.69 18.63 8.89
C LEU A 51 9.88 17.77 9.84
N ARG A 52 8.73 18.29 10.26
CA ARG A 52 7.91 17.57 11.22
C ARG A 52 6.71 16.97 10.50
N TRP A 53 6.10 15.95 11.09
CA TRP A 53 4.93 15.30 10.51
C TRP A 53 3.66 15.44 11.34
N GLN A 54 2.59 15.95 10.72
CA GLN A 54 1.27 15.95 11.32
C GLN A 54 0.86 14.47 11.50
N SER A 55 0.14 14.18 12.59
CA SER A 55 -0.19 12.79 12.94
C SER A 55 -1.16 12.12 11.95
N MET A 56 -2.13 12.88 11.45
CA MET A 56 -2.99 12.44 10.35
C MET A 56 -2.24 12.22 9.05
N ALA A 57 -1.12 12.92 8.89
CA ALA A 57 -0.27 12.78 7.73
C ALA A 57 0.41 11.42 7.71
N ILE A 58 0.90 10.97 8.86
CA ILE A 58 1.53 9.64 8.98
C ILE A 58 0.47 8.54 8.81
N MET A 59 -0.71 8.73 9.42
CA MET A 59 -1.79 7.77 9.33
C MET A 59 -2.23 7.53 7.89
N ALA A 60 -2.42 8.61 7.15
CA ALA A 60 -2.78 8.57 5.74
C ALA A 60 -1.71 7.85 4.90
N LEU A 61 -0.44 8.13 5.19
CA LEU A 61 0.67 7.42 4.53
C LEU A 61 0.63 5.93 4.81
N GLN A 62 0.43 5.59 6.09
CA GLN A 62 0.34 4.19 6.54
C GLN A 62 -0.82 3.48 5.91
N GLU A 63 -1.99 4.11 5.88
CA GLU A 63 -3.15 3.48 5.26
C GLU A 63 -2.88 3.25 3.78
N ALA A 64 -2.20 4.21 3.14
CA ALA A 64 -1.89 4.11 1.72
C ALA A 64 -0.79 3.08 1.47
N SER A 65 0.22 3.05 2.33
CA SER A 65 1.30 2.05 2.22
C SER A 65 0.73 0.64 2.31
N GLU A 66 -0.25 0.45 3.20
CA GLU A 66 -0.89 -0.86 3.39
C GLU A 66 -1.71 -1.30 2.17
N ALA A 67 -2.48 -0.40 1.57
CA ALA A 67 -3.27 -0.75 0.40
C ALA A 67 -2.33 -1.17 -0.73
N TYR A 68 -1.29 -0.38 -0.94
CA TYR A 68 -0.30 -0.61 -1.96
C TYR A 68 0.30 -1.99 -1.81
N LEU A 69 0.76 -2.31 -0.60
CA LEU A 69 1.42 -3.60 -0.35
C LEU A 69 0.45 -4.75 -0.52
N VAL A 70 -0.73 -4.63 0.05
CA VAL A 70 -1.72 -5.71 -0.04
C VAL A 70 -2.03 -5.98 -1.51
N GLY A 71 -2.22 -4.91 -2.30
CA GLY A 71 -2.48 -4.98 -3.74
C GLY A 71 -1.37 -5.71 -4.48
N LEU A 72 -0.13 -5.35 -4.22
CA LEU A 72 0.99 -6.11 -4.76
C LEU A 72 1.01 -7.60 -4.33
N LEU A 73 0.67 -7.87 -3.08
CA LEU A 73 0.63 -9.24 -2.60
C LEU A 73 -0.46 -10.05 -3.32
N GLU A 74 -1.60 -9.44 -3.64
CA GLU A 74 -2.61 -10.13 -4.42
C GLU A 74 -2.07 -10.50 -5.81
N HIS A 75 -1.44 -9.55 -6.51
CA HIS A 75 -0.89 -9.86 -7.83
C HIS A 75 0.16 -10.96 -7.76
N THR A 76 1.01 -10.88 -6.75
CA THR A 76 2.07 -11.86 -6.52
C THR A 76 1.44 -13.24 -6.30
N ASN A 77 0.33 -13.26 -5.56
CA ASN A 77 -0.35 -14.49 -5.26
C ASN A 77 -0.93 -15.13 -6.53
N LEU A 78 -1.44 -14.29 -7.43
CA LEU A 78 -1.97 -14.75 -8.72
C LEU A 78 -0.89 -15.31 -9.67
N LEU A 79 0.29 -14.71 -9.70
CA LEU A 79 1.39 -15.30 -10.44
C LEU A 79 1.80 -16.67 -9.90
N ALA A 80 1.78 -16.86 -8.58
CA ALA A 80 2.13 -18.15 -8.01
C ALA A 80 1.08 -19.16 -8.41
N LEU A 81 -0.20 -18.73 -8.37
CA LEU A 81 -1.31 -19.59 -8.66
C LEU A 81 -1.22 -20.10 -10.09
N HIS A 82 -0.88 -19.21 -11.03
CA HIS A 82 -0.69 -19.59 -12.42
C HIS A 82 0.48 -20.57 -12.61
N ALA A 83 1.48 -20.49 -11.73
CA ALA A 83 2.56 -21.48 -11.72
C ALA A 83 2.21 -22.69 -10.83
N LYS A 84 0.93 -22.82 -10.44
CA LYS A 84 0.44 -23.92 -9.58
C LYS A 84 1.16 -24.01 -8.23
N ARG A 85 1.51 -22.85 -7.66
CA ARG A 85 2.05 -22.77 -6.31
C ARG A 85 1.12 -21.96 -5.41
N ILE A 86 1.04 -22.33 -4.13
CA ILE A 86 0.36 -21.52 -3.14
C ILE A 86 1.37 -20.75 -2.28
N THR A 87 2.67 -21.00 -2.51
CA THR A 87 3.78 -20.32 -1.86
C THR A 87 4.30 -19.25 -2.79
N ILE A 88 4.25 -17.98 -2.36
CA ILE A 88 4.81 -16.90 -3.14
C ILE A 88 6.31 -16.74 -2.91
N MET A 89 7.01 -16.43 -4.00
CA MET A 89 8.48 -16.37 -4.03
C MET A 89 8.93 -14.96 -4.34
N ARG A 90 10.21 -14.69 -4.05
CA ARG A 90 10.83 -13.41 -4.41
C ARG A 90 10.66 -13.16 -5.92
N LYS A 91 10.90 -14.16 -6.76
CA LYS A 91 10.75 -13.97 -8.22
C LYS A 91 9.33 -13.51 -8.64
N ASP A 92 8.27 -14.11 -8.05
CA ASP A 92 6.90 -13.67 -8.28
C ASP A 92 6.75 -12.17 -7.95
N MET A 93 7.21 -11.76 -6.77
CA MET A 93 7.09 -10.37 -6.35
C MET A 93 7.87 -9.45 -7.26
N GLN A 94 9.05 -9.89 -7.65
CA GLN A 94 9.90 -9.13 -8.54
C GLN A 94 9.21 -8.89 -9.87
N LEU A 95 8.45 -9.87 -10.37
CA LEU A 95 7.75 -9.70 -11.64
C LEU A 95 6.56 -8.75 -11.46
N ALA A 96 5.76 -9.00 -10.43
CA ALA A 96 4.64 -8.09 -10.18
C ALA A 96 5.16 -6.66 -10.01
N ARG A 97 6.41 -6.52 -9.58
CA ARG A 97 7.04 -5.20 -9.44
C ARG A 97 7.37 -4.57 -10.75
N ARG A 98 7.99 -5.36 -11.64
CA ARG A 98 8.45 -4.89 -12.96
C ARG A 98 7.27 -4.37 -13.81
N ILE A 99 6.09 -4.93 -13.60
CA ILE A 99 4.85 -4.43 -14.16
C ILE A 99 4.41 -3.31 -13.18
N ARG A 100 5.23 -2.25 -13.16
CA ARG A 100 5.29 -1.24 -12.07
C ARG A 100 4.02 -1.08 -11.21
N ASP B 1 14.80 0.47 12.71
CA ASP B 1 16.18 -0.11 12.58
C ASP B 1 16.27 -1.12 11.41
N ASN B 2 16.65 -2.34 11.74
CA ASN B 2 16.70 -3.45 10.81
C ASN B 2 15.28 -3.92 10.48
N ILE B 3 14.29 -3.34 11.16
CA ILE B 3 12.91 -3.74 10.94
C ILE B 3 12.28 -2.92 9.81
N GLN B 4 12.91 -1.82 9.45
CA GLN B 4 12.66 -1.13 8.18
C GLN B 4 11.18 -0.87 7.93
N GLY B 5 10.49 -0.35 8.95
CA GLY B 5 9.11 0.15 8.80
C GLY B 5 7.95 -0.81 9.03
N ILE B 6 8.23 -2.10 9.08
CA ILE B 6 7.18 -3.15 9.18
C ILE B 6 7.74 -4.47 9.76
N THR B 7 7.09 -4.93 10.82
CA THR B 7 7.53 -6.14 11.51
C THR B 7 7.21 -7.35 10.65
N LYS B 8 7.91 -8.47 10.88
CA LYS B 8 7.59 -9.73 10.20
C LYS B 8 6.13 -10.20 10.41
N PRO B 9 5.63 -10.21 11.66
CA PRO B 9 4.20 -10.49 11.82
C PRO B 9 3.31 -9.54 11.02
N ALA B 10 3.68 -8.27 10.88
CA ALA B 10 2.78 -7.37 10.14
C ALA B 10 2.80 -7.71 8.66
N ILE B 11 3.94 -8.16 8.18
CA ILE B 11 4.06 -8.50 6.77
C ILE B 11 3.16 -9.70 6.52
N ARG B 12 3.15 -10.65 7.46
CA ARG B 12 2.32 -11.84 7.30
C ARG B 12 0.83 -11.48 7.33
N ARG B 13 0.45 -10.51 8.16
CA ARG B 13 -0.93 -10.05 8.13
C ARG B 13 -1.34 -9.46 6.77
N LEU B 14 -0.47 -8.62 6.21
CA LEU B 14 -0.72 -8.02 4.91
C LEU B 14 -0.90 -9.08 3.82
N ALA B 15 0.01 -10.06 3.78
CA ALA B 15 -0.08 -11.18 2.85
C ALA B 15 -1.39 -11.99 3.00
N ARG B 16 -1.81 -12.25 4.23
CA ARG B 16 -3.08 -12.99 4.43
C ARG B 16 -4.25 -12.18 3.89
N ARG B 17 -4.18 -10.87 4.04
CA ARG B 17 -5.28 -9.99 3.61
C ARG B 17 -5.26 -9.96 2.08
N GLY B 18 -4.07 -10.12 1.50
CA GLY B 18 -3.87 -10.40 0.08
C GLY B 18 -4.22 -11.80 -0.44
N GLY B 19 -4.64 -12.71 0.44
CA GLY B 19 -5.09 -14.05 0.03
C GLY B 19 -3.97 -15.09 0.02
N VAL B 20 -2.76 -14.69 0.39
CA VAL B 20 -1.60 -15.58 0.39
C VAL B 20 -1.64 -16.64 1.51
N LYS B 21 -1.29 -17.88 1.20
CA LYS B 21 -1.27 -18.95 2.22
C LYS B 21 0.11 -19.30 2.78
N ARG B 22 1.17 -19.04 1.99
CA ARG B 22 2.56 -19.37 2.36
C ARG B 22 3.51 -18.42 1.63
N ILE B 23 4.59 -18.04 2.30
CA ILE B 23 5.63 -17.19 1.68
C ILE B 23 7.01 -17.82 1.88
N SER B 24 7.85 -17.73 0.88
CA SER B 24 9.28 -17.89 1.12
C SER B 24 9.74 -16.80 2.11
N GLY B 25 10.65 -17.15 2.99
CA GLY B 25 11.24 -16.17 3.93
C GLY B 25 11.89 -14.95 3.27
N LEU B 26 12.32 -15.08 2.01
CA LEU B 26 12.84 -13.92 1.23
C LEU B 26 11.78 -12.82 0.91
N ILE B 27 10.53 -13.13 1.19
CA ILE B 27 9.43 -12.20 0.94
C ILE B 27 9.50 -11.02 1.91
N TYR B 28 9.98 -11.29 3.13
CA TYR B 28 10.10 -10.26 4.14
C TYR B 28 10.96 -9.09 3.70
N GLU B 29 12.19 -9.40 3.27
CA GLU B 29 13.07 -8.37 2.78
C GLU B 29 12.50 -7.70 1.54
N GLU B 30 11.85 -8.48 0.68
CA GLU B 30 11.33 -7.90 -0.56
C GLU B 30 10.17 -6.92 -0.25
N VAL B 31 9.31 -7.28 0.69
CA VAL B 31 8.23 -6.40 1.11
C VAL B 31 8.77 -5.13 1.77
N ARG B 32 9.83 -5.25 2.56
CA ARG B 32 10.46 -4.06 3.15
C ARG B 32 11.08 -3.17 2.09
N ASN B 33 11.71 -3.79 1.12
CA ASN B 33 12.22 -3.11 -0.06
C ASN B 33 11.18 -2.27 -0.79
N VAL B 34 10.04 -2.89 -1.08
CA VAL B 34 8.93 -2.26 -1.78
C VAL B 34 8.43 -1.08 -0.96
N LEU B 35 8.34 -1.27 0.35
CA LEU B 35 7.82 -0.22 1.27
C LEU B 35 8.70 1.02 1.20
N LYS B 36 10.00 0.81 1.30
CA LYS B 36 10.95 1.89 1.21
C LYS B 36 10.82 2.64 -0.12
N THR B 37 10.75 1.89 -1.23
CA THR B 37 10.66 2.45 -2.56
C THR B 37 9.41 3.31 -2.67
N PHE B 38 8.31 2.81 -2.14
CA PHE B 38 7.04 3.48 -2.29
C PHE B 38 7.02 4.77 -1.49
N LEU B 39 7.59 4.72 -0.28
CA LEU B 39 7.65 5.88 0.59
C LEU B 39 8.58 6.94 0.03
N GLU B 40 9.75 6.55 -0.47
CA GLU B 40 10.66 7.54 -1.07
C GLU B 40 9.92 8.33 -2.14
N SER B 41 9.19 7.62 -3.01
CA SER B 41 8.48 8.27 -4.09
C SER B 41 7.40 9.23 -3.58
N VAL B 42 6.60 8.75 -2.64
CA VAL B 42 5.48 9.51 -2.13
C VAL B 42 5.97 10.69 -1.29
N ILE B 43 6.98 10.41 -0.43
CA ILE B 43 7.48 11.41 0.51
C ILE B 43 8.24 12.52 -0.21
N ARG B 44 8.97 12.16 -1.28
CA ARG B 44 9.60 13.19 -2.14
C ARG B 44 8.57 14.20 -2.65
N ASP B 45 7.40 13.72 -3.05
CA ASP B 45 6.35 14.62 -3.56
C ASP B 45 5.72 15.44 -2.44
N ALA B 46 5.40 14.78 -1.33
CA ALA B 46 4.81 15.44 -0.17
C ALA B 46 5.73 16.56 0.34
N VAL B 47 7.02 16.27 0.46
CA VAL B 47 8.03 17.20 0.97
C VAL B 47 8.15 18.48 0.13
N THR B 48 8.29 18.35 -1.19
CA THR B 48 8.42 19.53 -2.05
C THR B 48 7.16 20.39 -2.00
N TYR B 49 5.99 19.76 -1.85
CA TYR B 49 4.73 20.46 -1.65
C TYR B 49 4.67 21.26 -0.34
N THR B 50 5.28 20.72 0.70
CA THR B 50 5.31 21.36 2.00
C THR B 50 6.24 22.57 1.96
N GLU B 51 7.37 22.39 1.30
CA GLU B 51 8.35 23.46 1.17
C GLU B 51 7.93 24.57 0.19
N HIS B 52 7.27 24.20 -0.90
CA HIS B 52 6.74 25.17 -1.87
C HIS B 52 5.67 26.06 -1.20
N ALA B 53 5.00 25.51 -0.19
CA ALA B 53 4.05 26.26 0.64
C ALA B 53 4.77 27.11 1.70
N LYS B 54 6.05 26.83 1.93
CA LYS B 54 6.86 27.48 2.98
C LYS B 54 6.44 27.08 4.41
N ARG B 55 6.16 25.79 4.59
CA ARG B 55 5.84 25.27 5.90
C ARG B 55 6.94 24.35 6.41
N LYS B 56 6.87 24.03 7.70
CA LYS B 56 7.84 23.18 8.39
C LYS B 56 7.26 21.84 8.81
N THR B 57 5.94 21.70 8.66
CA THR B 57 5.21 20.48 9.03
C THR B 57 4.42 19.93 7.84
N VAL B 58 4.62 18.64 7.55
CA VAL B 58 3.92 17.95 6.46
C VAL B 58 2.49 17.61 6.89
N THR B 59 1.52 18.14 6.15
CA THR B 59 0.09 18.02 6.51
C THR B 59 -0.57 16.85 5.81
N SER B 60 -1.75 16.45 6.28
CA SER B 60 -2.49 15.40 5.60
C SER B 60 -2.86 15.81 4.15
N LEU B 61 -3.03 17.10 3.89
CA LEU B 61 -3.20 17.61 2.52
C LEU B 61 -1.95 17.55 1.65
N ASP B 62 -0.78 17.60 2.27
CA ASP B 62 0.48 17.39 1.57
C ASP B 62 0.58 15.94 1.10
N VAL B 63 0.16 15.02 1.98
CA VAL B 63 0.21 13.61 1.71
C VAL B 63 -0.83 13.24 0.66
N VAL B 64 -2.01 13.83 0.79
CA VAL B 64 -3.11 13.66 -0.16
C VAL B 64 -2.72 14.08 -1.60
N TYR B 65 -2.21 15.30 -1.76
CA TYR B 65 -1.71 15.72 -3.07
C TYR B 65 -0.67 14.68 -3.57
N ALA B 66 0.23 14.25 -2.71
CA ALA B 66 1.24 13.27 -3.11
C ALA B 66 0.59 11.94 -3.56
N LEU B 67 -0.45 11.52 -2.86
CA LEU B 67 -1.20 10.29 -3.17
C LEU B 67 -2.00 10.34 -4.47
N LYS B 68 -2.65 11.48 -4.75
CA LYS B 68 -3.27 11.72 -6.05
C LYS B 68 -2.31 11.50 -7.24
N ARG B 69 -1.04 11.87 -7.09
CA ARG B 69 -0.03 11.66 -8.15
C ARG B 69 0.27 10.18 -8.35
N GLN B 70 0.49 9.48 -7.24
CA GLN B 70 0.70 8.04 -7.24
C GLN B 70 -0.54 7.33 -7.75
N GLY B 71 -1.71 7.91 -7.50
CA GLY B 71 -2.98 7.29 -7.86
C GLY B 71 -3.20 7.25 -9.35
N ARG B 72 -2.68 8.27 -10.03
CA ARG B 72 -2.98 8.42 -11.44
C ARG B 72 -2.05 7.56 -12.28
N THR B 73 -0.82 7.35 -11.83
CA THR B 73 0.05 6.37 -12.50
C THR B 73 -0.36 4.91 -12.18
N LEU B 74 -0.47 4.58 -10.89
CA LEU B 74 -0.83 3.20 -10.47
C LEU B 74 -2.32 2.93 -10.69
N VAL C 4 -16.64 -26.04 -10.94
CA VAL C 4 -15.41 -25.39 -10.36
C VAL C 4 -14.42 -26.45 -9.96
N VAL C 5 -13.46 -26.72 -10.83
CA VAL C 5 -12.51 -27.81 -10.64
C VAL C 5 -11.31 -27.42 -9.75
N TYR C 6 -10.72 -28.40 -9.05
CA TYR C 6 -9.51 -28.19 -8.26
C TYR C 6 -8.42 -29.19 -8.61
N ILE C 7 -7.18 -28.76 -8.50
CA ILE C 7 -6.03 -29.62 -8.75
C ILE C 7 -4.98 -29.41 -7.67
N MET C 8 -3.98 -30.29 -7.66
CA MET C 8 -2.89 -30.26 -6.69
C MET C 8 -1.79 -29.32 -7.12
N SER C 9 -1.46 -28.38 -6.22
CA SER C 9 -0.32 -27.51 -6.38
C SER C 9 0.98 -28.33 -6.27
N LYS C 10 2.11 -27.72 -6.67
CA LYS C 10 3.41 -28.34 -6.51
C LYS C 10 3.74 -28.63 -5.04
N GLU C 11 2.96 -28.07 -4.10
CA GLU C 11 3.17 -28.44 -2.71
C GLU C 11 2.07 -29.37 -2.13
N ASN C 12 1.31 -29.99 -3.04
CA ASN C 12 0.26 -30.98 -2.72
C ASN C 12 -0.87 -30.46 -1.88
N ARG C 13 -1.31 -29.27 -2.24
CA ARG C 13 -2.47 -28.69 -1.63
C ARG C 13 -3.38 -28.35 -2.76
N LEU C 14 -4.67 -28.34 -2.47
CA LEU C 14 -5.65 -28.18 -3.52
C LEU C 14 -5.82 -26.73 -3.82
N ILE C 15 -5.74 -26.43 -5.11
CA ILE C 15 -5.95 -25.08 -5.65
C ILE C 15 -6.95 -25.16 -6.80
N PRO C 16 -7.78 -24.11 -6.99
CA PRO C 16 -8.73 -24.05 -8.10
C PRO C 16 -8.02 -24.05 -9.48
N LYS C 17 -8.56 -24.80 -10.43
CA LYS C 17 -7.97 -24.89 -11.76
C LYS C 17 -8.59 -23.79 -12.61
N LEU C 18 -7.84 -22.72 -12.83
CA LEU C 18 -8.37 -21.55 -13.52
C LEU C 18 -7.80 -21.52 -14.91
N SER C 19 -8.60 -21.08 -15.86
CA SER C 19 -8.13 -20.87 -17.21
C SER C 19 -7.24 -19.60 -17.27
N ASP C 20 -6.39 -19.52 -18.28
CA ASP C 20 -5.58 -18.33 -18.49
C ASP C 20 -6.42 -17.06 -18.33
N GLU C 21 -7.60 -17.03 -18.96
CA GLU C 21 -8.50 -15.88 -18.89
C GLU C 21 -9.05 -15.56 -17.48
N GLU C 22 -9.47 -16.57 -16.71
CA GLU C 22 -10.03 -16.32 -15.38
C GLU C 22 -8.97 -15.73 -14.46
N VAL C 23 -7.72 -16.20 -14.62
CA VAL C 23 -6.59 -15.68 -13.87
C VAL C 23 -6.45 -14.18 -14.15
N MET C 24 -6.45 -13.83 -15.43
CA MET C 24 -6.40 -12.43 -15.85
C MET C 24 -7.55 -11.60 -15.28
N GLU C 25 -8.78 -12.11 -15.34
CA GLU C 25 -9.92 -11.44 -14.71
C GLU C 25 -9.77 -11.19 -13.19
N ARG C 26 -9.11 -12.11 -12.49
CA ARG C 26 -8.73 -11.92 -11.09
C ARG C 26 -7.75 -10.77 -10.87
N HIS C 27 -6.71 -10.67 -11.72
CA HIS C 27 -5.80 -9.51 -11.70
C HIS C 27 -6.62 -8.24 -11.89
N LYS C 28 -7.51 -8.24 -12.87
CA LYS C 28 -8.36 -7.06 -13.14
C LYS C 28 -9.21 -6.66 -11.93
N LYS C 29 -9.92 -7.62 -11.32
CA LYS C 29 -10.68 -7.39 -10.08
C LYS C 29 -9.81 -6.90 -8.91
N ALA C 30 -8.62 -7.47 -8.78
CA ALA C 30 -7.65 -6.96 -7.81
C ALA C 30 -7.44 -5.46 -8.03
N ASP C 31 -7.28 -5.06 -9.30
CA ASP C 31 -7.03 -3.65 -9.66
C ASP C 31 -8.21 -2.70 -9.50
N GLU C 32 -9.38 -3.07 -10.01
CA GLU C 32 -10.62 -2.32 -9.72
C GLU C 32 -10.72 -2.04 -8.22
N ASN C 33 -10.47 -3.08 -7.44
CA ASN C 33 -10.52 -3.03 -6.01
C ASN C 33 -9.51 -2.12 -5.34
N MET C 34 -8.26 -2.19 -5.77
CA MET C 34 -7.29 -1.34 -5.13
C MET C 34 -7.45 0.15 -5.58
N LYS C 35 -8.09 0.37 -6.73
CA LYS C 35 -8.38 1.73 -7.20
C LYS C 35 -9.43 2.37 -6.28
N ARG C 36 -10.49 1.60 -6.03
CA ARG C 36 -11.58 1.99 -5.17
C ARG C 36 -11.13 2.33 -3.73
N VAL C 37 -10.25 1.50 -3.18
CA VAL C 37 -9.69 1.68 -1.85
C VAL C 37 -8.85 2.95 -1.80
N TRP C 38 -8.09 3.17 -2.86
CA TRP C 38 -7.15 4.26 -2.91
C TRP C 38 -7.91 5.57 -2.92
N SER C 39 -8.90 5.66 -3.78
CA SER C 39 -9.72 6.86 -3.85
C SER C 39 -10.48 7.09 -2.53
N GLN C 40 -10.86 6.00 -1.86
CA GLN C 40 -11.49 6.12 -0.54
C GLN C 40 -10.57 6.68 0.52
N ILE C 41 -9.29 6.34 0.42
CA ILE C 41 -8.30 6.85 1.35
C ILE C 41 -8.16 8.34 1.10
N ILE C 42 -8.06 8.71 -0.17
CA ILE C 42 -7.91 10.10 -0.57
C ILE C 42 -9.11 10.93 -0.11
N GLN C 43 -10.32 10.42 -0.31
CA GLN C 43 -11.54 11.14 0.06
C GLN C 43 -11.67 11.36 1.59
N LYS C 44 -11.28 10.34 2.37
CA LYS C 44 -11.31 10.41 3.83
C LYS C 44 -10.44 11.55 4.35
N TYR C 45 -9.20 11.60 3.90
CA TYR C 45 -8.25 12.55 4.47
C TYR C 45 -8.40 13.93 3.88
N GLU C 46 -8.93 13.99 2.66
CA GLU C 46 -9.14 15.24 1.95
C GLU C 46 -10.37 16.05 2.43
N SER C 47 -11.40 15.35 2.90
CA SER C 47 -12.65 15.95 3.37
C SER C 47 -12.42 17.11 4.34
N ILE C 48 -13.19 18.20 4.18
CA ILE C 48 -13.12 19.32 5.13
C ILE C 48 -13.57 18.85 6.52
N ASP C 49 -14.43 17.83 6.58
CA ASP C 49 -14.95 17.28 7.83
C ASP C 49 -13.88 16.71 8.77
N ASN C 50 -12.71 16.35 8.25
CA ASN C 50 -11.63 16.11 9.19
C ASN C 50 -10.43 17.03 9.06
N GLN C 51 -10.59 18.08 8.26
CA GLN C 51 -9.86 19.32 8.50
C GLN C 51 -10.75 20.07 9.52
N GLY C 52 -10.27 21.13 10.15
CA GLY C 52 -11.14 21.83 11.11
C GLY C 52 -12.43 22.18 10.38
N ASP C 53 -13.56 21.75 10.94
CA ASP C 53 -14.84 21.93 10.29
C ASP C 53 -15.98 22.15 11.28
N VAL C 54 -16.88 23.08 10.99
CA VAL C 54 -18.14 23.17 11.74
C VAL C 54 -19.30 23.27 10.76
N ILE C 55 -20.37 22.56 11.04
CA ILE C 55 -21.51 22.46 10.12
C ILE C 55 -22.81 22.95 10.77
N ASP C 56 -23.57 23.81 10.10
CA ASP C 56 -24.87 24.22 10.62
C ASP C 56 -25.88 23.18 10.21
N LEU C 57 -26.63 22.65 11.16
CA LEU C 57 -27.58 21.58 10.89
C LEU C 57 -28.88 22.08 10.23
N GLN C 58 -29.13 23.39 10.31
CA GLN C 58 -30.29 23.99 9.66
C GLN C 58 -30.08 23.92 8.15
N THR C 59 -28.91 24.36 7.71
CA THR C 59 -28.65 24.47 6.27
C THR C 59 -27.97 23.23 5.72
N GLY C 60 -27.26 22.47 6.57
CA GLY C 60 -26.33 21.41 6.13
C GLY C 60 -24.98 21.92 5.65
N GLU C 61 -24.79 23.24 5.65
CA GLU C 61 -23.58 23.82 5.07
C GLU C 61 -22.50 24.04 6.10
N VAL C 62 -21.25 23.96 5.66
CA VAL C 62 -20.07 24.33 6.48
C VAL C 62 -20.15 25.80 6.90
N ILE C 63 -20.03 26.04 8.20
CA ILE C 63 -20.05 27.41 8.75
C ILE C 63 -18.72 28.13 8.47
I IOD D . 1.12 -8.87 -12.21
I IOD E . 5.58 -10.40 -18.88
#